data_6SSD
#
_entry.id   6SSD
#
_cell.length_a   92.300
_cell.length_b   92.300
_cell.length_c   118.800
_cell.angle_alpha   90.000
_cell.angle_beta   90.000
_cell.angle_gamma   90.000
#
_symmetry.space_group_name_H-M   'P 43 21 2'
#
loop_
_entity.id
_entity.type
_entity.pdbx_description
1 polymer ForI-PLP
2 non-polymer "PYRIDOXAL-5'-PHOSPHATE"
3 non-polymer 'SULFATE ION'
4 water water
#
_entity_poly.entity_id   1
_entity_poly.type   'polypeptide(L)'
_entity_poly.pdbx_seq_one_letter_code
;AMITEKSAALYARAVEVMPGGNSRTAVYSSPYPVYVRSGSGARVTDVDGVERIDFLNNSTTLIHGHAHPEMVEAIAAAVG
HGTSFGMPTPVEVEYAEALSARNETFEHVRFTSSGTEAVMMAVQAARAYTERPKIAKIAGAYHGAYDAVAVNNDGSGNLI
SHAVTGNPEGVVANTVVIPFNDPEGSLEVLRRHADDLACVLIDPVPWRIGLLPASKEWLDALREFCDASGAVLISDEVGS
YRVGYHGAMQLLGAEADITVMGKVIAAGMPIGAVAGRRRFMSVFDPSKGKPALPHSGSYNANPVSMSSGIASLRLLTPQA
HERIGQLGEQARGSMRTALGEAGLDWEVNGLGSLFRVVANSAPAGYDSAAAAMKALYWKLLENGIHIGDSGLGCISTPMG
EEEIAEYAVAFAKSLGQVLAEGRA
;
_entity_poly.pdbx_strand_id   A
#
# COMPACT_ATOMS: atom_id res chain seq x y z
N ALA A 1 28.34 6.81 -13.04
CA ALA A 1 28.64 7.66 -11.84
C ALA A 1 28.46 6.85 -10.54
N MET A 2 27.35 6.13 -10.42
CA MET A 2 27.07 5.32 -9.22
CA MET A 2 27.07 5.33 -9.24
C MET A 2 28.04 4.16 -9.08
N ILE A 3 28.52 3.94 -7.85
CA ILE A 3 29.29 2.74 -7.51
C ILE A 3 28.34 1.76 -6.79
N THR A 4 28.20 0.58 -7.39
CA THR A 4 27.32 -0.47 -6.88
C THR A 4 28.03 -1.81 -6.75
N GLU A 5 29.34 -1.79 -6.57
CA GLU A 5 30.13 -3.01 -6.51
CA GLU A 5 30.18 -3.00 -6.48
C GLU A 5 29.73 -3.95 -5.36
N LYS A 6 29.45 -3.40 -4.17
CA LYS A 6 29.07 -4.26 -3.05
C LYS A 6 27.66 -4.83 -3.28
N SER A 7 26.79 -4.07 -3.91
CA SER A 7 25.48 -4.61 -4.35
C SER A 7 25.64 -5.74 -5.36
N ALA A 8 26.52 -5.57 -6.35
CA ALA A 8 26.75 -6.60 -7.33
C ALA A 8 27.28 -7.90 -6.68
N ALA A 9 28.16 -7.77 -5.70
CA ALA A 9 28.71 -8.94 -5.02
C ALA A 9 27.65 -9.68 -4.21
N LEU A 10 26.76 -8.93 -3.55
CA LEU A 10 25.64 -9.55 -2.84
C LEU A 10 24.73 -10.28 -3.83
N TYR A 11 24.45 -9.66 -4.97
CA TYR A 11 23.62 -10.30 -5.99
C TYR A 11 24.23 -11.59 -6.49
N ALA A 12 25.55 -11.60 -6.73
CA ALA A 12 26.23 -12.81 -7.20
C ALA A 12 26.07 -13.97 -6.22
N ARG A 13 26.11 -13.69 -4.92
CA ARG A 13 25.80 -14.72 -3.95
C ARG A 13 24.31 -15.09 -3.96
N ALA A 14 23.45 -14.08 -4.05
CA ALA A 14 22.01 -14.31 -3.97
C ALA A 14 21.48 -15.21 -5.08
N VAL A 15 22.02 -15.08 -6.30
CA VAL A 15 21.47 -15.88 -7.41
C VAL A 15 21.73 -17.37 -7.23
N GLU A 16 22.68 -17.75 -6.37
CA GLU A 16 22.94 -19.16 -6.11
C GLU A 16 21.96 -19.78 -5.15
N VAL A 17 21.26 -18.98 -4.35
CA VAL A 17 20.39 -19.47 -3.26
C VAL A 17 18.96 -18.97 -3.30
N MET A 18 18.62 -18.10 -4.25
CA MET A 18 17.25 -17.58 -4.43
CA MET A 18 17.25 -17.58 -4.40
C MET A 18 16.96 -17.53 -5.90
N PRO A 19 15.68 -17.67 -6.31
CA PRO A 19 15.35 -17.63 -7.74
C PRO A 19 15.63 -16.24 -8.34
N GLY A 20 16.56 -16.16 -9.27
CA GLY A 20 17.00 -14.88 -9.79
C GLY A 20 17.58 -13.95 -8.73
N GLY A 21 18.03 -14.51 -7.62
CA GLY A 21 18.56 -13.70 -6.53
C GLY A 21 17.54 -12.88 -5.79
N ASN A 22 16.27 -13.29 -5.83
CA ASN A 22 15.18 -12.45 -5.38
C ASN A 22 14.28 -13.17 -4.39
N SER A 23 13.72 -12.41 -3.43
CA SER A 23 12.75 -12.91 -2.46
C SER A 23 11.46 -12.07 -2.40
N ARG A 24 11.33 -11.07 -3.24
CA ARG A 24 10.20 -10.13 -3.20
C ARG A 24 10.21 -9.43 -4.53
N THR A 25 9.27 -9.76 -5.43
CA THR A 25 9.38 -9.29 -6.82
C THR A 25 9.50 -7.78 -6.92
N ALA A 26 8.71 -7.07 -6.10
CA ALA A 26 8.61 -5.62 -6.20
C ALA A 26 9.91 -4.89 -5.90
N VAL A 27 10.89 -5.50 -5.23
CA VAL A 27 12.15 -4.79 -4.93
C VAL A 27 13.24 -5.11 -5.95
N TYR A 28 12.98 -6.03 -6.89
CA TYR A 28 13.95 -6.34 -7.92
CA TYR A 28 13.95 -6.34 -7.91
C TYR A 28 14.06 -5.21 -8.93
N SER A 29 15.27 -4.98 -9.43
CA SER A 29 15.51 -4.14 -10.59
C SER A 29 16.58 -4.84 -11.42
N SER A 30 16.54 -4.64 -12.74
CA SER A 30 17.51 -5.22 -13.65
CA SER A 30 17.50 -5.23 -13.63
C SER A 30 18.69 -4.28 -13.86
N PRO A 31 19.92 -4.79 -13.92
CA PRO A 31 20.29 -6.21 -13.79
C PRO A 31 20.31 -6.72 -12.35
N TYR A 32 20.44 -5.79 -11.41
CA TYR A 32 20.30 -6.14 -9.99
C TYR A 32 19.88 -4.86 -9.27
N PRO A 33 19.20 -5.00 -8.14
CA PRO A 33 18.87 -3.84 -7.36
C PRO A 33 19.99 -3.35 -6.47
N VAL A 34 19.91 -2.09 -6.07
CA VAL A 34 20.76 -1.57 -5.00
C VAL A 34 20.32 -2.25 -3.69
N TYR A 35 21.31 -2.78 -2.98
CA TYR A 35 21.13 -3.33 -1.63
C TYR A 35 21.45 -2.26 -0.59
N VAL A 36 20.75 -2.34 0.54
CA VAL A 36 20.94 -1.34 1.59
C VAL A 36 21.36 -1.96 2.91
N ARG A 37 22.05 -1.16 3.72
CA ARG A 37 22.61 -1.64 4.97
C ARG A 37 21.87 -1.11 6.20
N SER A 38 21.47 0.15 6.20
CA SER A 38 20.83 0.75 7.37
CA SER A 38 20.91 0.81 7.40
C SER A 38 20.07 1.99 6.97
N GLY A 39 19.19 2.43 7.84
CA GLY A 39 18.49 3.70 7.68
C GLY A 39 18.42 4.43 8.99
N SER A 40 18.34 5.76 8.90
CA SER A 40 18.18 6.63 10.05
CA SER A 40 18.23 6.66 10.04
C SER A 40 17.37 7.83 9.64
N GLY A 41 16.26 8.04 10.33
CA GLY A 41 15.40 9.16 10.01
C GLY A 41 14.82 9.02 8.62
N ALA A 42 15.02 10.02 7.77
CA ALA A 42 14.50 10.01 6.41
C ALA A 42 15.51 9.42 5.41
N ARG A 43 16.66 8.94 5.87
CA ARG A 43 17.74 8.56 4.97
C ARG A 43 18.11 7.08 5.08
N VAL A 44 18.59 6.54 3.96
CA VAL A 44 19.03 5.16 3.87
C VAL A 44 20.42 5.10 3.28
N THR A 45 21.28 4.29 3.88
CA THR A 45 22.66 4.11 3.41
C THR A 45 22.77 2.75 2.71
N ASP A 46 23.21 2.77 1.46
CA ASP A 46 23.35 1.56 0.71
C ASP A 46 24.60 0.80 1.12
N VAL A 47 24.75 -0.42 0.61
CA VAL A 47 25.87 -1.26 0.99
C VAL A 47 27.22 -0.72 0.50
N ASP A 48 27.20 0.16 -0.49
CA ASP A 48 28.42 0.84 -0.97
C ASP A 48 28.70 2.15 -0.20
N GLY A 49 27.93 2.41 0.86
CA GLY A 49 28.15 3.55 1.72
C GLY A 49 27.51 4.85 1.35
N VAL A 50 26.63 4.85 0.36
CA VAL A 50 26.01 6.05 -0.15
C VAL A 50 24.65 6.31 0.53
N GLU A 51 24.55 7.48 1.15
CA GLU A 51 23.35 7.90 1.89
C GLU A 51 22.43 8.67 0.96
N ARG A 52 21.15 8.30 0.93
CA ARG A 52 20.16 8.92 0.09
C ARG A 52 18.91 9.21 0.91
N ILE A 53 18.08 10.17 0.45
CA ILE A 53 16.79 10.41 1.13
C ILE A 53 15.81 9.39 0.56
N ASP A 54 15.09 8.72 1.48
CA ASP A 54 14.10 7.72 1.07
C ASP A 54 12.72 8.37 0.96
N PHE A 55 12.25 8.47 -0.30
CA PHE A 55 10.91 8.97 -0.62
C PHE A 55 9.96 7.85 -1.06
N LEU A 56 10.27 6.60 -0.66
CA LEU A 56 9.27 5.52 -0.84
C LEU A 56 9.01 4.72 0.44
N ASN A 57 10.01 4.57 1.31
CA ASN A 57 9.73 4.19 2.71
C ASN A 57 9.11 2.80 2.80
N ASN A 58 9.80 1.81 2.27
CA ASN A 58 9.33 0.44 2.20
C ASN A 58 7.89 0.38 1.68
N SER A 59 7.73 0.84 0.44
CA SER A 59 6.44 0.78 -0.23
CA SER A 59 6.47 0.88 -0.27
C SER A 59 5.33 1.44 0.58
N THR A 60 5.66 2.58 1.20
CA THR A 60 4.75 3.40 1.99
C THR A 60 4.49 2.90 3.40
N THR A 61 5.21 1.86 3.85
CA THR A 61 5.08 1.35 5.21
C THR A 61 5.64 2.32 6.27
N LEU A 62 6.79 2.92 6.00
CA LEU A 62 7.56 3.57 7.06
C LEU A 62 7.10 5.02 7.24
N ILE A 63 5.89 5.20 7.80
CA ILE A 63 5.36 6.56 7.98
C ILE A 63 6.24 7.38 8.90
N HIS A 64 6.98 6.74 9.83
CA HIS A 64 7.90 7.43 10.74
C HIS A 64 9.34 7.26 10.35
N GLY A 65 9.59 6.93 9.09
CA GLY A 65 10.95 6.73 8.58
C GLY A 65 11.63 5.57 9.25
N HIS A 66 12.97 5.64 9.25
CA HIS A 66 13.82 4.54 9.61
C HIS A 66 14.30 4.63 11.04
N ALA A 67 14.13 3.56 11.79
CA ALA A 67 14.72 3.48 13.14
C ALA A 67 14.36 4.72 13.97
N HIS A 68 13.09 5.09 13.99
CA HIS A 68 12.67 6.24 14.82
C HIS A 68 12.99 5.88 16.29
N PRO A 69 13.64 6.78 17.04
CA PRO A 69 14.08 6.37 18.39
C PRO A 69 12.95 5.86 19.29
N GLU A 70 11.75 6.45 19.20
CA GLU A 70 10.68 5.99 20.07
C GLU A 70 10.16 4.63 19.62
N MET A 71 10.16 4.37 18.32
CA MET A 71 9.77 3.03 17.88
CA MET A 71 9.81 3.03 17.78
C MET A 71 10.82 1.99 18.23
N VAL A 72 12.12 2.32 18.06
CA VAL A 72 13.18 1.41 18.42
C VAL A 72 13.10 1.05 19.91
N GLU A 73 12.91 2.07 20.75
CA GLU A 73 12.82 1.81 22.19
C GLU A 73 11.68 0.81 22.50
N ALA A 74 10.50 1.06 21.92
CA ALA A 74 9.33 0.22 22.20
C ALA A 74 9.51 -1.20 21.68
N ILE A 75 10.05 -1.31 20.47
CA ILE A 75 10.25 -2.62 19.84
C ILE A 75 11.33 -3.42 20.57
N ALA A 76 12.45 -2.79 20.88
CA ALA A 76 13.52 -3.49 21.54
C ALA A 76 13.11 -3.95 22.95
N ALA A 77 12.31 -3.15 23.66
CA ALA A 77 11.85 -3.55 24.98
C ALA A 77 10.94 -4.76 24.86
N ALA A 78 10.05 -4.75 23.86
CA ALA A 78 9.17 -5.90 23.65
C ALA A 78 9.98 -7.16 23.35
N VAL A 79 10.95 -7.07 22.43
CA VAL A 79 11.81 -8.19 22.12
C VAL A 79 12.43 -8.78 23.39
N GLY A 80 12.89 -7.90 24.29
CA GLY A 80 13.53 -8.34 25.50
C GLY A 80 12.64 -9.13 26.44
N HIS A 81 11.33 -8.93 26.34
CA HIS A 81 10.33 -9.66 27.14
C HIS A 81 9.79 -10.93 26.46
N GLY A 82 10.17 -11.16 25.21
CA GLY A 82 9.70 -12.32 24.46
C GLY A 82 9.04 -11.93 23.15
N THR A 83 9.50 -12.50 22.04
CA THR A 83 9.04 -12.07 20.73
C THR A 83 7.63 -12.53 20.35
N SER A 84 7.27 -13.72 20.77
CA SER A 84 5.94 -14.30 20.50
C SER A 84 5.63 -15.38 21.52
N PHE A 85 4.34 -15.59 21.75
CA PHE A 85 3.83 -16.48 22.78
C PHE A 85 2.61 -17.21 22.24
N GLY A 86 2.35 -18.37 22.87
CA GLY A 86 1.12 -19.13 22.61
C GLY A 86 -0.07 -18.74 23.49
N MET A 87 -0.04 -17.50 23.99
CA MET A 87 -1.04 -16.93 24.92
C MET A 87 -1.15 -15.47 24.56
N PRO A 88 -2.33 -14.85 24.71
CA PRO A 88 -2.45 -13.44 24.45
C PRO A 88 -1.71 -12.60 25.50
N THR A 89 -1.50 -11.33 25.20
CA THR A 89 -0.68 -10.42 26.01
C THR A 89 -1.41 -9.11 26.25
N PRO A 90 -0.97 -8.32 27.25
CA PRO A 90 -1.60 -7.02 27.46
C PRO A 90 -1.52 -6.11 26.23
N VAL A 91 -0.41 -6.13 25.50
CA VAL A 91 -0.25 -5.17 24.42
C VAL A 91 -1.22 -5.42 23.26
N GLU A 92 -1.70 -6.66 23.04
CA GLU A 92 -2.69 -6.84 21.98
C GLU A 92 -3.96 -6.10 22.31
N VAL A 93 -4.35 -6.08 23.58
CA VAL A 93 -5.55 -5.37 24.00
C VAL A 93 -5.37 -3.86 23.88
N GLU A 94 -4.22 -3.36 24.35
CA GLU A 94 -3.92 -1.95 24.23
C GLU A 94 -3.94 -1.48 22.77
N TYR A 95 -3.31 -2.28 21.90
CA TYR A 95 -3.25 -1.90 20.49
C TYR A 95 -4.60 -2.02 19.80
N ALA A 96 -5.38 -3.06 20.10
CA ALA A 96 -6.73 -3.15 19.52
C ALA A 96 -7.56 -1.92 19.89
N GLU A 97 -7.48 -1.48 21.17
CA GLU A 97 -8.19 -0.27 21.54
C GLU A 97 -7.69 0.95 20.77
N ALA A 98 -6.38 1.07 20.62
CA ALA A 98 -5.80 2.23 19.93
C ALA A 98 -6.24 2.28 18.47
N LEU A 99 -6.21 1.12 17.79
CA LEU A 99 -6.64 1.08 16.37
C LEU A 99 -8.14 1.28 16.23
N SER A 100 -8.92 0.59 17.07
CA SER A 100 -10.38 0.74 17.02
C SER A 100 -10.83 2.21 17.17
N ALA A 101 -10.10 2.97 18.00
CA ALA A 101 -10.43 4.37 18.26
C ALA A 101 -10.28 5.23 17.02
N ARG A 102 -9.57 4.78 15.98
CA ARG A 102 -9.33 5.65 14.83
C ARG A 102 -10.53 5.85 13.90
N ASN A 103 -11.52 4.98 13.96
CA ASN A 103 -12.69 5.10 13.07
C ASN A 103 -13.87 4.39 13.69
N GLU A 104 -15.05 5.01 13.61
CA GLU A 104 -16.23 4.45 14.22
C GLU A 104 -16.62 3.08 13.69
N THR A 105 -16.23 2.76 12.46
CA THR A 105 -16.58 1.47 11.92
C THR A 105 -15.66 0.33 12.36
N PHE A 106 -14.55 0.65 13.01
CA PHE A 106 -13.55 -0.35 13.41
C PHE A 106 -13.96 -0.99 14.75
N GLU A 107 -15.17 -1.51 14.83
CA GLU A 107 -15.71 -1.92 16.14
C GLU A 107 -14.95 -3.09 16.73
N HIS A 108 -14.72 -4.12 15.91
CA HIS A 108 -13.95 -5.29 16.30
C HIS A 108 -12.81 -5.47 15.29
N VAL A 109 -11.63 -5.80 15.84
CA VAL A 109 -10.38 -5.93 15.10
CA VAL A 109 -10.44 -5.97 15.03
C VAL A 109 -9.81 -7.34 15.28
N ARG A 110 -9.09 -7.85 14.26
CA ARG A 110 -8.19 -9.02 14.45
CA ARG A 110 -8.32 -9.02 14.33
C ARG A 110 -6.96 -8.74 13.65
N PHE A 111 -5.86 -9.25 14.22
CA PHE A 111 -4.52 -9.03 13.66
C PHE A 111 -4.00 -10.25 12.92
N THR A 112 -3.27 -9.95 11.84
CA THR A 112 -2.55 -10.91 11.02
C THR A 112 -1.09 -10.51 10.95
N SER A 113 -0.28 -11.27 10.20
CA SER A 113 1.13 -10.93 10.01
C SER A 113 1.46 -10.15 8.75
N SER A 114 0.44 -9.89 7.93
CA SER A 114 0.64 -9.13 6.71
C SER A 114 -0.69 -8.61 6.18
N GLY A 115 -0.62 -7.59 5.35
CA GLY A 115 -1.80 -7.14 4.63
C GLY A 115 -2.35 -8.20 3.71
N THR A 116 -1.45 -8.99 3.11
CA THR A 116 -1.87 -10.09 2.23
C THR A 116 -2.79 -11.06 2.98
N GLU A 117 -2.36 -11.47 4.16
CA GLU A 117 -3.20 -12.33 4.99
C GLU A 117 -4.50 -11.65 5.39
N ALA A 118 -4.41 -10.36 5.74
CA ALA A 118 -5.61 -9.65 6.19
C ALA A 118 -6.67 -9.55 5.08
N VAL A 119 -6.21 -9.26 3.85
CA VAL A 119 -7.18 -9.24 2.74
C VAL A 119 -7.83 -10.61 2.57
N MET A 120 -7.00 -11.66 2.61
CA MET A 120 -7.52 -13.03 2.50
C MET A 120 -8.59 -13.29 3.58
N MET A 121 -8.27 -12.93 4.82
CA MET A 121 -9.23 -13.22 5.89
C MET A 121 -10.50 -12.37 5.79
N ALA A 122 -10.38 -11.13 5.29
CA ALA A 122 -11.58 -10.31 5.06
C ALA A 122 -12.52 -10.93 4.01
N VAL A 123 -11.92 -11.40 2.92
CA VAL A 123 -12.71 -12.08 1.88
C VAL A 123 -13.34 -13.34 2.42
N GLN A 124 -12.55 -14.14 3.15
CA GLN A 124 -13.10 -15.34 3.76
C GLN A 124 -14.24 -15.01 4.74
N ALA A 125 -14.07 -13.93 5.49
CA ALA A 125 -15.14 -13.52 6.41
C ALA A 125 -16.42 -13.18 5.66
N ALA A 126 -16.30 -12.42 4.58
CA ALA A 126 -17.50 -12.07 3.80
C ALA A 126 -18.17 -13.31 3.21
N ARG A 127 -17.36 -14.23 2.71
CA ARG A 127 -17.90 -15.48 2.18
C ARG A 127 -18.60 -16.28 3.29
N ALA A 128 -18.00 -16.36 4.47
CA ALA A 128 -18.61 -17.08 5.58
C ALA A 128 -19.92 -16.42 6.05
N TYR A 129 -19.93 -15.09 6.10
CA TYR A 129 -21.09 -14.35 6.59
CA TYR A 129 -21.08 -14.31 6.58
C TYR A 129 -22.27 -14.45 5.62
N THR A 130 -22.00 -14.34 4.32
CA THR A 130 -23.05 -14.36 3.33
C THR A 130 -23.38 -15.73 2.76
N GLU A 131 -22.42 -16.65 2.83
CA GLU A 131 -22.48 -17.95 2.17
CA GLU A 131 -22.51 -17.96 2.18
C GLU A 131 -22.71 -17.83 0.69
N ARG A 132 -22.09 -16.80 0.09
CA ARG A 132 -22.09 -16.60 -1.35
C ARG A 132 -20.67 -16.66 -1.90
N PRO A 133 -20.53 -17.05 -3.17
CA PRO A 133 -19.17 -17.33 -3.65
C PRO A 133 -18.39 -16.19 -4.26
N LYS A 134 -19.05 -15.26 -4.93
CA LYS A 134 -18.30 -14.33 -5.80
CA LYS A 134 -18.30 -14.33 -5.80
C LYS A 134 -17.78 -13.10 -5.07
N ILE A 135 -16.70 -12.57 -5.63
CA ILE A 135 -16.26 -11.27 -5.21
CA ILE A 135 -16.04 -11.31 -5.23
C ILE A 135 -16.09 -10.38 -6.43
N ALA A 136 -16.32 -9.08 -6.18
CA ALA A 136 -16.03 -8.06 -7.20
C ALA A 136 -14.90 -7.21 -6.68
N LYS A 137 -13.96 -6.89 -7.56
CA LYS A 137 -12.84 -5.98 -7.23
C LYS A 137 -12.65 -4.99 -8.37
N ILE A 138 -11.83 -3.97 -8.12
CA ILE A 138 -11.52 -2.98 -9.15
C ILE A 138 -10.58 -3.59 -10.20
N ALA A 139 -10.87 -3.32 -11.48
CA ALA A 139 -9.97 -3.69 -12.57
C ALA A 139 -8.66 -2.91 -12.41
N GLY A 140 -7.57 -3.64 -12.20
CA GLY A 140 -6.24 -3.07 -12.09
C GLY A 140 -5.65 -2.99 -10.70
N ALA A 141 -6.53 -3.02 -9.68
CA ALA A 141 -6.04 -2.82 -8.30
C ALA A 141 -5.34 -4.06 -7.72
N TYR A 142 -4.31 -3.80 -6.91
CA TYR A 142 -3.53 -4.84 -6.23
CA TYR A 142 -3.54 -4.85 -6.27
C TYR A 142 -3.93 -5.00 -4.80
N HIS A 143 -3.97 -6.26 -4.35
CA HIS A 143 -4.32 -6.62 -3.00
C HIS A 143 -3.46 -7.72 -2.40
N GLY A 144 -2.31 -7.98 -3.01
CA GLY A 144 -1.44 -9.06 -2.60
C GLY A 144 -1.69 -10.35 -3.37
N ALA A 145 -0.99 -11.41 -2.96
CA ALA A 145 -0.88 -12.63 -3.76
C ALA A 145 -1.98 -13.63 -3.53
N TYR A 146 -2.89 -13.43 -2.57
CA TYR A 146 -3.95 -14.41 -2.38
C TYR A 146 -4.72 -14.62 -3.69
N ASP A 147 -4.94 -15.88 -4.04
CA ASP A 147 -5.40 -16.21 -5.39
C ASP A 147 -6.70 -15.56 -5.81
N ALA A 148 -7.68 -15.40 -4.90
CA ALA A 148 -8.95 -14.82 -5.29
C ALA A 148 -8.82 -13.34 -5.68
N VAL A 149 -7.79 -12.65 -5.16
CA VAL A 149 -7.61 -11.24 -5.42
C VAL A 149 -6.45 -10.93 -6.34
N ALA A 150 -5.69 -11.96 -6.76
CA ALA A 150 -4.55 -11.82 -7.66
C ALA A 150 -5.02 -11.93 -9.12
N VAL A 151 -6.05 -11.17 -9.43
CA VAL A 151 -6.80 -11.21 -10.70
C VAL A 151 -6.86 -9.73 -11.12
N ASN A 152 -6.43 -9.41 -12.34
CA ASN A 152 -6.52 -8.04 -12.84
C ASN A 152 -5.90 -7.05 -11.86
N ASN A 153 -4.64 -7.33 -11.52
CA ASN A 153 -4.02 -6.68 -10.36
C ASN A 153 -2.74 -5.93 -10.67
N ASP A 154 -2.59 -5.49 -11.93
CA ASP A 154 -1.37 -4.95 -12.49
C ASP A 154 -1.54 -3.60 -13.16
N GLY A 155 -2.56 -2.84 -12.77
CA GLY A 155 -2.77 -1.51 -13.29
C GLY A 155 -3.63 -1.38 -14.53
N SER A 156 -3.94 -2.48 -15.21
CA SER A 156 -4.79 -2.40 -16.41
C SER A 156 -6.23 -2.20 -16.04
N GLY A 157 -6.94 -1.42 -16.85
CA GLY A 157 -8.38 -1.25 -16.69
C GLY A 157 -9.25 -2.27 -17.40
N ASN A 158 -8.62 -3.27 -18.05
CA ASN A 158 -9.38 -4.25 -18.84
C ASN A 158 -10.43 -4.95 -17.96
N LEU A 159 -11.63 -5.11 -18.50
CA LEU A 159 -12.74 -5.68 -17.72
C LEU A 159 -12.87 -7.21 -17.85
N ILE A 160 -12.06 -7.83 -18.71
CA ILE A 160 -12.03 -9.28 -18.83
C ILE A 160 -11.10 -9.87 -17.79
N SER A 161 -11.53 -10.93 -17.10
CA SER A 161 -10.68 -11.67 -16.13
CA SER A 161 -10.71 -11.71 -16.16
CA SER A 161 -10.65 -11.51 -16.08
C SER A 161 -9.30 -12.01 -16.68
N HIS A 162 -8.26 -11.72 -15.92
CA HIS A 162 -6.89 -12.08 -16.29
C HIS A 162 -6.18 -12.44 -14.99
N ALA A 163 -5.61 -13.62 -14.92
CA ALA A 163 -4.99 -14.12 -13.70
C ALA A 163 -3.60 -14.66 -13.91
N VAL A 164 -2.92 -14.97 -12.80
CA VAL A 164 -1.60 -15.59 -12.83
C VAL A 164 -1.65 -16.99 -13.42
N THR A 165 -0.59 -17.38 -14.16
CA THR A 165 -0.45 -18.76 -14.67
C THR A 165 -0.69 -19.72 -13.53
N GLY A 166 -1.56 -20.69 -13.78
CA GLY A 166 -1.83 -21.71 -12.83
C GLY A 166 -3.00 -21.41 -11.90
N ASN A 167 -3.49 -20.16 -11.81
CA ASN A 167 -4.66 -19.90 -10.92
C ASN A 167 -5.86 -20.61 -11.57
N PRO A 168 -6.51 -21.59 -10.89
CA PRO A 168 -7.50 -22.38 -11.62
C PRO A 168 -8.75 -21.59 -11.96
N GLU A 169 -9.47 -22.07 -12.97
CA GLU A 169 -10.77 -21.52 -13.30
C GLU A 169 -11.70 -21.52 -12.11
N GLY A 170 -11.61 -22.52 -11.24
CA GLY A 170 -12.48 -22.56 -10.07
C GLY A 170 -12.32 -21.37 -9.15
N VAL A 171 -11.13 -20.77 -9.12
CA VAL A 171 -10.89 -19.50 -8.44
C VAL A 171 -11.30 -18.33 -9.33
N VAL A 172 -10.75 -18.25 -10.52
CA VAL A 172 -10.90 -17.05 -11.34
C VAL A 172 -12.37 -16.74 -11.70
N ALA A 173 -13.16 -17.80 -11.92
CA ALA A 173 -14.57 -17.60 -12.25
C ALA A 173 -15.38 -16.92 -11.17
N ASN A 174 -14.88 -16.97 -9.92
CA ASN A 174 -15.57 -16.31 -8.82
C ASN A 174 -15.06 -14.92 -8.47
N THR A 175 -14.18 -14.35 -9.31
CA THR A 175 -13.77 -12.95 -9.15
C THR A 175 -14.10 -12.20 -10.45
N VAL A 176 -14.88 -11.13 -10.30
CA VAL A 176 -15.23 -10.25 -11.41
C VAL A 176 -14.70 -8.85 -11.12
N VAL A 177 -14.48 -8.05 -12.18
CA VAL A 177 -13.93 -6.72 -12.01
C VAL A 177 -14.85 -5.63 -12.50
N ILE A 178 -14.68 -4.47 -11.86
CA ILE A 178 -15.45 -3.28 -12.14
C ILE A 178 -14.52 -2.11 -12.47
N PRO A 179 -15.02 -1.17 -13.31
CA PRO A 179 -14.24 0.00 -13.67
C PRO A 179 -14.23 1.07 -12.59
N PHE A 180 -13.03 1.43 -12.13
CA PHE A 180 -12.88 2.43 -11.08
C PHE A 180 -13.56 3.73 -11.47
N ASN A 181 -14.33 4.30 -10.53
CA ASN A 181 -14.93 5.62 -10.74
C ASN A 181 -15.91 5.72 -11.86
N ASP A 182 -16.45 4.59 -12.33
CA ASP A 182 -17.51 4.56 -13.34
C ASP A 182 -18.72 3.88 -12.71
N PRO A 183 -19.64 4.67 -12.09
CA PRO A 183 -20.76 4.02 -11.43
C PRO A 183 -21.64 3.20 -12.35
N GLU A 184 -21.95 3.74 -13.54
CA GLU A 184 -22.81 3.08 -14.49
CA GLU A 184 -22.85 3.03 -14.42
C GLU A 184 -22.25 1.71 -14.90
N GLY A 185 -21.00 1.73 -15.35
CA GLY A 185 -20.35 0.49 -15.75
C GLY A 185 -20.13 -0.49 -14.60
N SER A 186 -19.87 0.04 -13.42
CA SER A 186 -19.75 -0.82 -12.26
C SER A 186 -21.05 -1.50 -11.88
N LEU A 187 -22.16 -0.74 -11.88
CA LEU A 187 -23.43 -1.32 -11.50
C LEU A 187 -23.91 -2.34 -12.54
N GLU A 188 -23.52 -2.14 -13.83
CA GLU A 188 -23.88 -3.14 -14.84
CA GLU A 188 -23.86 -3.12 -14.88
C GLU A 188 -23.29 -4.50 -14.47
N VAL A 189 -22.02 -4.53 -14.09
CA VAL A 189 -21.38 -5.78 -13.71
C VAL A 189 -21.96 -6.32 -12.38
N LEU A 190 -22.06 -5.44 -11.38
CA LEU A 190 -22.49 -5.87 -10.07
C LEU A 190 -23.89 -6.46 -10.11
N ARG A 191 -24.79 -5.82 -10.87
CA ARG A 191 -26.18 -6.30 -10.90
C ARG A 191 -26.30 -7.67 -11.61
N ARG A 192 -25.39 -7.96 -12.55
CA ARG A 192 -25.36 -9.28 -13.20
CA ARG A 192 -25.36 -9.28 -13.20
C ARG A 192 -25.05 -10.41 -12.21
N HIS A 193 -24.36 -10.09 -11.13
CA HIS A 193 -23.89 -11.09 -10.19
C HIS A 193 -24.45 -10.95 -8.79
N ALA A 194 -25.46 -10.09 -8.62
CA ALA A 194 -25.88 -9.65 -7.29
C ALA A 194 -26.23 -10.79 -6.34
N ASP A 195 -26.96 -11.79 -6.83
CA ASP A 195 -27.40 -12.87 -5.98
C ASP A 195 -26.25 -13.71 -5.42
N ASP A 196 -25.11 -13.66 -6.10
CA ASP A 196 -23.99 -14.52 -5.76
C ASP A 196 -22.78 -13.78 -5.22
N LEU A 197 -22.90 -12.47 -4.98
CA LEU A 197 -21.78 -11.66 -4.49
C LEU A 197 -21.67 -11.64 -2.98
N ALA A 198 -20.56 -12.19 -2.49
CA ALA A 198 -20.22 -12.08 -1.08
C ALA A 198 -19.74 -10.70 -0.69
N CYS A 199 -19.00 -10.04 -1.59
CA CYS A 199 -18.37 -8.78 -1.24
CA CYS A 199 -18.38 -8.77 -1.24
C CYS A 199 -18.02 -7.98 -2.48
N VAL A 200 -17.91 -6.68 -2.26
CA VAL A 200 -17.29 -5.73 -3.21
C VAL A 200 -16.04 -5.24 -2.47
N LEU A 201 -14.89 -5.56 -3.05
CA LEU A 201 -13.59 -5.25 -2.46
C LEU A 201 -13.00 -4.08 -3.24
N ILE A 202 -12.79 -2.94 -2.56
CA ILE A 202 -12.22 -1.76 -3.17
C ILE A 202 -10.96 -1.36 -2.44
N ASP A 203 -10.16 -0.52 -3.08
CA ASP A 203 -9.15 0.34 -2.42
C ASP A 203 -9.62 1.74 -2.76
N PRO A 204 -9.84 2.63 -1.76
CA PRO A 204 -10.32 3.96 -2.12
C PRO A 204 -9.32 4.87 -2.82
N VAL A 205 -8.02 4.55 -2.75
CA VAL A 205 -7.02 5.35 -3.46
C VAL A 205 -5.93 4.44 -4.06
N PRO A 206 -6.32 3.63 -5.06
CA PRO A 206 -5.39 2.61 -5.54
C PRO A 206 -4.25 3.19 -6.37
N TRP A 207 -2.99 2.92 -6.00
CA TRP A 207 -1.92 3.60 -6.70
C TRP A 207 -1.66 3.05 -8.08
N ARG A 208 -1.88 1.75 -8.30
CA ARG A 208 -1.45 1.15 -9.55
C ARG A 208 -2.24 1.62 -10.76
N ILE A 209 -3.43 2.16 -10.51
CA ILE A 209 -4.26 2.74 -11.58
C ILE A 209 -4.25 4.27 -11.57
N GLY A 210 -3.35 4.88 -10.77
CA GLY A 210 -3.07 6.30 -10.89
C GLY A 210 -3.03 7.12 -9.61
N LEU A 211 -3.41 6.51 -8.49
CA LEU A 211 -3.43 7.26 -7.21
C LEU A 211 -4.40 8.45 -7.23
N LEU A 212 -5.53 8.24 -7.90
CA LEU A 212 -6.68 9.12 -7.79
C LEU A 212 -7.70 8.55 -6.81
N PRO A 213 -8.37 9.42 -6.04
CA PRO A 213 -9.35 8.92 -5.07
C PRO A 213 -10.64 8.47 -5.72
N ALA A 214 -11.29 7.52 -5.06
CA ALA A 214 -12.65 7.16 -5.38
C ALA A 214 -13.56 8.39 -5.24
N SER A 215 -14.46 8.54 -6.20
CA SER A 215 -15.42 9.66 -6.20
C SER A 215 -16.59 9.40 -5.28
N LYS A 216 -17.25 10.47 -4.85
CA LYS A 216 -18.46 10.34 -4.06
C LYS A 216 -19.52 9.56 -4.80
N GLU A 217 -19.71 9.87 -6.09
CA GLU A 217 -20.76 9.19 -6.85
C GLU A 217 -20.51 7.68 -6.92
N TRP A 218 -19.25 7.28 -7.10
CA TRP A 218 -18.91 5.87 -7.18
C TRP A 218 -19.05 5.17 -5.81
N LEU A 219 -18.49 5.79 -4.78
CA LEU A 219 -18.64 5.24 -3.44
C LEU A 219 -20.09 5.10 -3.05
N ASP A 220 -20.90 6.12 -3.34
CA ASP A 220 -22.32 6.05 -3.00
C ASP A 220 -23.02 4.91 -3.77
N ALA A 221 -22.71 4.77 -5.05
CA ALA A 221 -23.30 3.69 -5.84
C ALA A 221 -22.95 2.32 -5.25
N LEU A 222 -21.70 2.16 -4.82
CA LEU A 222 -21.28 0.89 -4.26
C LEU A 222 -21.94 0.63 -2.89
N ARG A 223 -22.00 1.67 -2.05
CA ARG A 223 -22.64 1.52 -0.74
C ARG A 223 -24.10 1.14 -0.88
N GLU A 224 -24.80 1.81 -1.78
CA GLU A 224 -26.21 1.50 -2.04
CA GLU A 224 -26.21 1.49 -2.04
C GLU A 224 -26.40 0.09 -2.60
N PHE A 225 -25.50 -0.30 -3.50
CA PHE A 225 -25.57 -1.65 -4.05
C PHE A 225 -25.36 -2.72 -2.97
N CYS A 226 -24.37 -2.50 -2.11
CA CYS A 226 -24.12 -3.44 -1.04
CA CYS A 226 -24.08 -3.43 -1.04
C CYS A 226 -25.28 -3.51 -0.07
N ASP A 227 -25.86 -2.36 0.27
CA ASP A 227 -27.02 -2.35 1.15
C ASP A 227 -28.20 -3.11 0.53
N ALA A 228 -28.44 -2.94 -0.76
CA ALA A 228 -29.58 -3.59 -1.43
C ALA A 228 -29.37 -5.08 -1.62
N SER A 229 -28.14 -5.48 -1.92
CA SER A 229 -27.84 -6.85 -2.32
C SER A 229 -27.42 -7.74 -1.15
N GLY A 230 -26.94 -7.14 -0.06
CA GLY A 230 -26.34 -7.89 1.03
C GLY A 230 -24.88 -8.24 0.86
N ALA A 231 -24.25 -7.83 -0.23
CA ALA A 231 -22.78 -8.00 -0.37
C ALA A 231 -22.10 -7.11 0.67
N VAL A 232 -20.98 -7.60 1.19
CA VAL A 232 -20.18 -6.86 2.18
C VAL A 232 -19.27 -5.87 1.44
N LEU A 233 -19.26 -4.61 1.89
CA LEU A 233 -18.34 -3.60 1.30
C LEU A 233 -17.04 -3.62 2.10
N ILE A 234 -15.97 -4.09 1.43
CA ILE A 234 -14.65 -4.20 2.06
C ILE A 234 -13.74 -3.13 1.47
N SER A 235 -13.18 -2.26 2.33
CA SER A 235 -12.19 -1.28 1.90
C SER A 235 -10.82 -1.73 2.29
N ASP A 236 -9.98 -2.04 1.27
CA ASP A 236 -8.58 -2.41 1.50
C ASP A 236 -7.79 -1.13 1.53
N GLU A 237 -7.43 -0.73 2.76
CA GLU A 237 -6.68 0.47 3.06
C GLU A 237 -5.28 0.13 3.53
N VAL A 238 -4.77 -1.05 3.17
CA VAL A 238 -3.39 -1.40 3.62
C VAL A 238 -2.42 -0.30 3.17
N GLY A 239 -2.55 0.17 1.94
CA GLY A 239 -1.74 1.29 1.45
C GLY A 239 -2.33 2.66 1.59
N SER A 240 -3.65 2.78 1.47
CA SER A 240 -4.28 4.08 1.38
C SER A 240 -4.79 4.64 2.70
N TYR A 241 -4.81 3.86 3.78
CA TYR A 241 -5.30 4.34 5.09
C TYR A 241 -4.71 5.71 5.42
N ARG A 242 -3.41 5.84 5.18
CA ARG A 242 -2.68 7.01 5.66
C ARG A 242 -3.15 8.33 5.09
N VAL A 243 -3.96 8.34 4.02
CA VAL A 243 -4.39 9.62 3.47
C VAL A 243 -5.27 10.41 4.44
N GLY A 244 -5.92 9.73 5.39
CA GLY A 244 -6.83 10.39 6.32
C GLY A 244 -6.50 10.01 7.75
N TYR A 245 -6.75 10.91 8.70
CA TYR A 245 -6.51 10.60 10.08
CA TYR A 245 -6.50 10.59 10.10
C TYR A 245 -7.43 9.46 10.60
N HIS A 246 -8.61 9.32 9.97
CA HIS A 246 -9.54 8.24 10.25
C HIS A 246 -9.62 7.23 9.11
N GLY A 247 -8.58 7.22 8.27
CA GLY A 247 -8.53 6.34 7.11
C GLY A 247 -9.15 6.97 5.87
N ALA A 248 -9.11 6.20 4.78
CA ALA A 248 -9.43 6.71 3.47
C ALA A 248 -10.93 6.84 3.22
N MET A 249 -11.73 5.82 3.55
CA MET A 249 -13.18 5.95 3.33
C MET A 249 -13.73 7.20 4.07
N GLN A 250 -13.32 7.38 5.33
CA GLN A 250 -13.85 8.50 6.10
C GLN A 250 -13.46 9.83 5.48
N LEU A 251 -12.22 9.95 4.99
CA LEU A 251 -11.80 11.19 4.34
C LEU A 251 -12.70 11.49 3.14
N LEU A 252 -13.09 10.45 2.41
CA LEU A 252 -13.87 10.59 1.18
C LEU A 252 -15.38 10.56 1.43
N GLY A 253 -15.80 10.56 2.68
CA GLY A 253 -17.21 10.69 3.03
C GLY A 253 -18.01 9.41 3.09
N ALA A 254 -17.35 8.26 3.24
CA ALA A 254 -18.04 6.98 3.13
C ALA A 254 -17.68 6.05 4.32
N GLU A 255 -18.40 4.92 4.41
CA GLU A 255 -18.26 3.92 5.48
CA GLU A 255 -18.16 3.93 5.46
C GLU A 255 -18.13 2.55 4.82
N ALA A 256 -17.11 1.80 5.21
CA ALA A 256 -16.99 0.38 4.86
C ALA A 256 -17.67 -0.48 5.91
N ASP A 257 -18.03 -1.69 5.51
CA ASP A 257 -18.45 -2.73 6.46
C ASP A 257 -17.25 -3.35 7.19
N ILE A 258 -16.19 -3.63 6.42
CA ILE A 258 -14.91 -4.17 6.89
C ILE A 258 -13.82 -3.34 6.22
N THR A 259 -12.78 -3.00 6.99
CA THR A 259 -11.60 -2.32 6.46
C THR A 259 -10.39 -3.21 6.71
N VAL A 260 -9.53 -3.33 5.70
CA VAL A 260 -8.27 -4.05 5.80
C VAL A 260 -7.16 -3.00 5.98
N MET A 261 -6.27 -3.22 6.94
CA MET A 261 -5.18 -2.29 7.21
C MET A 261 -3.85 -3.04 7.36
N GLY A 262 -2.77 -2.26 7.28
CA GLY A 262 -1.43 -2.78 7.42
C GLY A 262 -0.45 -1.64 7.28
N LYS A 263 0.74 -1.97 6.78
CA LYS A 263 1.78 -0.97 6.45
C LYS A 263 1.92 0.05 7.59
N VAL A 264 1.44 1.29 7.44
CA VAL A 264 1.73 2.35 8.45
C VAL A 264 1.19 2.04 9.84
N ILE A 265 0.20 1.15 9.99
CA ILE A 265 -0.37 0.96 11.32
C ILE A 265 0.66 0.42 12.31
N ALA A 266 1.70 -0.28 11.83
CA ALA A 266 2.84 -0.60 12.67
C ALA A 266 4.14 0.02 12.19
N ALA A 267 4.16 0.61 10.99
CA ALA A 267 5.29 1.41 10.51
C ALA A 267 6.64 0.71 10.55
N GLY A 268 6.61 -0.59 10.24
CA GLY A 268 7.82 -1.31 9.89
C GLY A 268 7.87 -2.76 10.28
N MET A 269 7.16 -3.18 11.35
CA MET A 269 7.12 -4.57 11.77
C MET A 269 5.96 -5.30 11.09
N PRO A 270 6.05 -6.63 10.95
CA PRO A 270 5.02 -7.36 10.18
C PRO A 270 3.67 -7.26 10.85
N ILE A 271 2.65 -6.87 10.08
CA ILE A 271 1.30 -6.77 10.60
CA ILE A 271 1.31 -6.64 10.61
C ILE A 271 0.31 -6.67 9.46
N GLY A 272 -0.94 -7.01 9.81
CA GLY A 272 -2.13 -6.64 9.06
C GLY A 272 -3.28 -6.61 10.05
N ALA A 273 -4.41 -6.06 9.63
CA ALA A 273 -5.58 -6.02 10.50
C ALA A 273 -6.84 -6.09 9.65
N VAL A 274 -7.86 -6.73 10.22
CA VAL A 274 -9.21 -6.73 9.68
C VAL A 274 -10.07 -6.04 10.75
N ALA A 275 -10.76 -4.97 10.38
CA ALA A 275 -11.55 -4.19 11.36
C ALA A 275 -12.91 -3.90 10.79
N GLY A 276 -13.97 -4.09 11.54
CA GLY A 276 -15.28 -3.85 10.97
C GLY A 276 -16.37 -3.89 11.98
N ARG A 277 -17.59 -3.76 11.48
CA ARG A 277 -18.74 -3.80 12.35
C ARG A 277 -18.85 -5.18 12.99
N ARG A 278 -19.38 -5.22 14.21
CA ARG A 278 -19.41 -6.47 14.99
CA ARG A 278 -19.41 -6.46 14.98
C ARG A 278 -20.07 -7.63 14.23
N ARG A 279 -21.18 -7.38 13.52
CA ARG A 279 -21.88 -8.48 12.90
C ARG A 279 -21.01 -9.19 11.87
N PHE A 280 -20.24 -8.44 11.08
CA PHE A 280 -19.40 -9.07 10.06
C PHE A 280 -18.22 -9.81 10.70
N MET A 281 -17.68 -9.23 11.78
CA MET A 281 -16.56 -9.83 12.48
C MET A 281 -16.94 -11.04 13.31
N SER A 282 -18.25 -11.26 13.52
CA SER A 282 -18.71 -12.31 14.40
CA SER A 282 -18.72 -12.31 14.39
C SER A 282 -18.37 -13.70 13.90
N VAL A 283 -18.11 -13.84 12.59
CA VAL A 283 -17.70 -15.15 12.06
C VAL A 283 -16.43 -15.66 12.73
N PHE A 284 -15.60 -14.77 13.28
CA PHE A 284 -14.36 -15.16 13.93
C PHE A 284 -14.54 -15.48 15.42
N ASP A 285 -15.66 -15.11 16.03
CA ASP A 285 -15.80 -15.19 17.50
C ASP A 285 -15.84 -16.64 17.96
N PRO A 286 -14.87 -17.06 18.80
CA PRO A 286 -14.81 -18.45 19.29
C PRO A 286 -15.39 -18.63 20.68
N SER A 287 -16.04 -17.62 21.23
CA SER A 287 -16.40 -17.61 22.64
C SER A 287 -17.73 -18.28 22.98
N LYS A 288 -18.52 -18.59 21.95
CA LYS A 288 -19.88 -19.17 22.13
C LYS A 288 -19.95 -20.39 21.22
N GLY A 289 -18.90 -21.22 21.30
CA GLY A 289 -18.78 -22.41 20.46
C GLY A 289 -17.73 -22.24 19.37
N LYS A 290 -17.58 -23.26 18.54
CA LYS A 290 -16.62 -23.19 17.44
C LYS A 290 -16.97 -22.01 16.53
N PRO A 291 -15.94 -21.24 16.09
CA PRO A 291 -16.23 -20.14 15.20
C PRO A 291 -16.61 -20.60 13.81
N ALA A 292 -17.43 -19.81 13.11
CA ALA A 292 -17.70 -20.09 11.70
C ALA A 292 -16.41 -20.06 10.86
N LEU A 293 -15.48 -19.17 11.23
CA LEU A 293 -14.24 -18.97 10.48
C LEU A 293 -13.06 -19.04 11.46
N PRO A 294 -12.43 -20.22 11.58
CA PRO A 294 -11.19 -20.32 12.35
C PRO A 294 -10.13 -19.42 11.72
N HIS A 295 -9.29 -18.81 12.55
CA HIS A 295 -8.25 -17.91 12.04
C HIS A 295 -7.13 -17.87 13.09
N SER A 296 -6.07 -18.63 12.81
CA SER A 296 -4.92 -18.64 13.72
C SER A 296 -3.70 -18.07 12.94
N GLY A 297 -2.50 -18.42 13.39
CA GLY A 297 -1.27 -17.87 12.83
C GLY A 297 -0.29 -17.57 13.95
N SER A 298 0.93 -18.10 13.81
CA SER A 298 1.90 -18.10 14.91
C SER A 298 2.26 -16.74 15.42
N TYR A 299 2.21 -15.70 14.56
CA TYR A 299 2.64 -14.37 14.93
C TYR A 299 1.47 -13.41 15.07
N ASN A 300 0.23 -13.89 14.99
CA ASN A 300 -0.88 -12.99 15.12
C ASN A 300 -0.79 -12.30 16.48
N ALA A 301 -0.93 -10.97 16.47
CA ALA A 301 -0.94 -10.20 17.71
C ALA A 301 0.34 -10.33 18.53
N ASN A 302 1.45 -10.71 17.89
CA ASN A 302 2.66 -10.88 18.68
C ASN A 302 3.04 -9.53 19.32
N PRO A 303 3.66 -9.57 20.51
CA PRO A 303 3.84 -8.32 21.24
C PRO A 303 4.86 -7.37 20.60
N VAL A 304 5.75 -7.88 19.75
CA VAL A 304 6.69 -6.98 19.06
C VAL A 304 5.95 -6.12 18.04
N SER A 305 5.14 -6.77 17.19
CA SER A 305 4.33 -6.02 16.24
C SER A 305 3.30 -5.14 16.94
N MET A 306 2.70 -5.61 18.05
CA MET A 306 1.76 -4.77 18.79
C MET A 306 2.45 -3.54 19.35
N SER A 307 3.67 -3.70 19.88
CA SER A 307 4.39 -2.57 20.44
CA SER A 307 4.44 -2.57 20.43
C SER A 307 4.80 -1.57 19.36
N SER A 308 5.19 -2.08 18.19
CA SER A 308 5.47 -1.22 17.04
C SER A 308 4.21 -0.41 16.68
N GLY A 309 3.07 -1.09 16.66
CA GLY A 309 1.82 -0.43 16.38
C GLY A 309 1.42 0.64 17.38
N ILE A 310 1.55 0.31 18.67
CA ILE A 310 1.23 1.32 19.70
C ILE A 310 2.08 2.54 19.50
N ALA A 311 3.37 2.34 19.26
CA ALA A 311 4.27 3.47 19.09
C ALA A 311 3.98 4.25 17.82
N SER A 312 3.66 3.54 16.72
CA SER A 312 3.34 4.18 15.46
C SER A 312 2.10 5.06 15.57
N LEU A 313 1.04 4.50 16.13
CA LEU A 313 -0.19 5.29 16.29
C LEU A 313 0.04 6.45 17.25
N ARG A 314 0.78 6.24 18.35
CA ARG A 314 0.99 7.35 19.28
CA ARG A 314 1.03 7.36 19.29
C ARG A 314 1.74 8.51 18.61
N LEU A 315 2.71 8.20 17.76
CA LEU A 315 3.42 9.23 16.98
C LEU A 315 2.59 9.88 15.90
N LEU A 316 1.60 9.14 15.37
CA LEU A 316 0.76 9.65 14.29
C LEU A 316 -0.41 10.44 14.89
N THR A 317 -0.06 11.63 15.36
CA THR A 317 -1.04 12.57 15.92
C THR A 317 -1.74 13.33 14.77
N PRO A 318 -2.84 14.05 15.08
CA PRO A 318 -3.43 14.94 14.07
C PRO A 318 -2.41 15.97 13.56
N GLN A 319 -1.56 16.48 14.44
CA GLN A 319 -0.54 17.48 14.06
CA GLN A 319 -0.58 17.48 14.05
C GLN A 319 0.46 16.88 13.08
N ALA A 320 0.94 15.67 13.39
CA ALA A 320 1.93 15.02 12.52
C ALA A 320 1.29 14.73 11.14
N HIS A 321 0.06 14.24 11.15
CA HIS A 321 -0.69 13.98 9.91
C HIS A 321 -0.81 15.24 9.07
N GLU A 322 -1.19 16.36 9.68
CA GLU A 322 -1.31 17.58 8.92
CA GLU A 322 -1.31 17.62 8.97
C GLU A 322 0.02 18.02 8.35
N ARG A 323 1.08 17.88 9.12
CA ARG A 323 2.39 18.35 8.68
C ARG A 323 2.89 17.55 7.47
N ILE A 324 2.77 16.22 7.49
CA ILE A 324 3.24 15.43 6.34
C ILE A 324 2.33 15.65 5.13
N GLY A 325 1.07 16.02 5.36
CA GLY A 325 0.22 16.40 4.24
C GLY A 325 0.65 17.71 3.58
N GLN A 326 1.05 18.68 4.40
CA GLN A 326 1.56 19.94 3.85
C GLN A 326 2.84 19.72 3.05
N LEU A 327 3.74 18.88 3.57
CA LEU A 327 4.96 18.56 2.84
C LEU A 327 4.63 17.82 1.53
N GLY A 328 3.66 16.93 1.57
CA GLY A 328 3.23 16.23 0.35
C GLY A 328 2.67 17.16 -0.70
N GLU A 329 1.84 18.11 -0.29
CA GLU A 329 1.29 19.10 -1.22
C GLU A 329 2.43 19.92 -1.87
N GLN A 330 3.40 20.32 -1.06
CA GLN A 330 4.54 21.07 -1.56
C GLN A 330 5.34 20.24 -2.57
N ALA A 331 5.62 18.97 -2.24
CA ALA A 331 6.37 18.12 -3.15
C ALA A 331 5.62 17.91 -4.48
N ARG A 332 4.32 17.68 -4.42
CA ARG A 332 3.53 17.49 -5.65
C ARG A 332 3.55 18.76 -6.51
N GLY A 333 3.42 19.92 -5.88
CA GLY A 333 3.44 21.19 -6.61
C GLY A 333 4.77 21.40 -7.32
N SER A 334 5.86 21.09 -6.63
CA SER A 334 7.19 21.29 -7.22
C SER A 334 7.45 20.33 -8.38
N MET A 335 6.95 19.10 -8.27
CA MET A 335 7.06 18.16 -9.38
C MET A 335 6.27 18.64 -10.61
N ARG A 336 5.06 19.14 -10.39
CA ARG A 336 4.26 19.63 -11.52
C ARG A 336 4.98 20.80 -12.24
N THR A 337 5.59 21.71 -11.45
CA THR A 337 6.30 22.83 -12.02
C THR A 337 7.49 22.35 -12.85
N ALA A 338 8.26 21.41 -12.30
CA ALA A 338 9.43 20.89 -13.01
C ALA A 338 9.03 20.17 -14.29
N LEU A 339 7.97 19.36 -14.24
CA LEU A 339 7.50 18.65 -15.44
C LEU A 339 7.06 19.64 -16.51
N GLY A 340 6.30 20.66 -16.11
CA GLY A 340 5.87 21.71 -17.03
C GLY A 340 7.04 22.42 -17.68
N GLU A 341 8.04 22.80 -16.88
CA GLU A 341 9.19 23.51 -17.41
C GLU A 341 10.00 22.66 -18.39
N ALA A 342 9.99 21.34 -18.21
CA ALA A 342 10.67 20.39 -19.09
C ALA A 342 9.86 19.99 -20.34
N GLY A 343 8.63 20.49 -20.44
CA GLY A 343 7.75 20.21 -21.57
C GLY A 343 7.03 18.87 -21.54
N LEU A 344 6.89 18.33 -20.34
CA LEU A 344 6.25 17.04 -20.14
C LEU A 344 4.87 17.19 -19.53
N ASP A 345 3.95 16.38 -20.06
CA ASP A 345 2.54 16.35 -19.70
CA ASP A 345 2.55 16.43 -19.61
C ASP A 345 2.20 15.33 -18.60
N TRP A 346 3.21 14.71 -18.00
CA TRP A 346 2.97 13.64 -17.00
C TRP A 346 2.16 14.19 -15.82
N GLU A 347 1.31 13.36 -15.25
CA GLU A 347 0.50 13.76 -14.09
C GLU A 347 1.27 13.57 -12.82
N VAL A 348 0.93 14.37 -11.83
CA VAL A 348 1.37 14.14 -10.46
C VAL A 348 0.10 14.06 -9.61
N ASN A 349 -0.20 12.86 -9.11
CA ASN A 349 -1.37 12.61 -8.31
C ASN A 349 -1.03 12.32 -6.86
N GLY A 350 -2.07 12.34 -6.02
CA GLY A 350 -1.92 11.94 -4.63
C GLY A 350 -2.68 12.84 -3.68
N LEU A 351 -2.83 12.32 -2.46
CA LEU A 351 -3.50 12.99 -1.34
CA LEU A 351 -3.53 12.96 -1.34
C LEU A 351 -2.58 12.92 -0.16
N GLY A 352 -2.58 13.97 0.66
CA GLY A 352 -1.84 13.90 1.93
C GLY A 352 -0.38 13.68 1.67
N SER A 353 0.17 12.66 2.34
CA SER A 353 1.60 12.35 2.25
C SER A 353 1.98 11.37 1.13
N LEU A 354 1.02 10.98 0.27
CA LEU A 354 1.29 10.09 -0.86
C LEU A 354 1.38 10.86 -2.16
N PHE A 355 2.25 10.40 -3.08
CA PHE A 355 2.25 10.96 -4.44
C PHE A 355 2.60 9.88 -5.45
N ARG A 356 2.24 10.16 -6.70
CA ARG A 356 2.72 9.34 -7.78
C ARG A 356 2.88 10.20 -9.02
N VAL A 357 4.05 10.09 -9.65
CA VAL A 357 4.27 10.64 -10.98
C VAL A 357 3.78 9.56 -11.96
N VAL A 358 2.81 9.92 -12.80
CA VAL A 358 2.22 8.99 -13.76
C VAL A 358 2.68 9.41 -15.15
N ALA A 359 3.68 8.69 -15.68
CA ALA A 359 4.19 8.98 -17.01
C ALA A 359 3.20 8.44 -18.03
N ASN A 360 2.82 9.30 -18.97
CA ASN A 360 1.80 9.02 -19.94
C ASN A 360 2.21 9.35 -21.37
N SER A 361 3.49 9.60 -21.58
CA SER A 361 4.07 9.87 -22.89
C SER A 361 5.50 9.35 -22.90
N ALA A 362 5.97 8.98 -24.09
CA ALA A 362 7.32 8.48 -24.30
C ALA A 362 8.17 9.56 -24.94
N PRO A 363 9.06 10.23 -24.18
CA PRO A 363 9.93 11.24 -24.79
C PRO A 363 10.91 10.62 -25.76
N ALA A 364 11.49 11.45 -26.62
CA ALA A 364 12.48 10.98 -27.60
C ALA A 364 13.55 10.14 -26.94
N GLY A 365 13.82 8.99 -27.55
CA GLY A 365 14.83 8.06 -27.07
C GLY A 365 14.37 6.98 -26.12
N TYR A 366 13.07 6.99 -25.79
CA TYR A 366 12.48 5.98 -24.91
C TYR A 366 11.36 5.26 -25.67
N ASP A 367 11.29 3.94 -25.47
CA ASP A 367 10.34 3.10 -26.22
C ASP A 367 8.93 3.20 -25.63
N SER A 368 8.81 3.67 -24.38
CA SER A 368 7.52 3.75 -23.70
C SER A 368 7.59 4.76 -22.56
N ALA A 369 6.41 5.20 -22.12
CA ALA A 369 6.30 6.00 -20.89
C ALA A 369 6.94 5.26 -19.70
N ALA A 370 6.65 3.96 -19.57
CA ALA A 370 7.18 3.20 -18.44
C ALA A 370 8.70 3.16 -18.45
N ALA A 371 9.31 3.05 -19.64
CA ALA A 371 10.78 3.03 -19.74
C ALA A 371 11.36 4.40 -19.36
N ALA A 372 10.69 5.49 -19.74
CA ALA A 372 11.15 6.82 -19.37
C ALA A 372 11.08 7.00 -17.85
N MET A 373 10.00 6.53 -17.23
CA MET A 373 9.89 6.62 -15.76
CA MET A 373 9.88 6.61 -15.77
C MET A 373 10.95 5.75 -15.07
N LYS A 374 11.25 4.56 -15.59
CA LYS A 374 12.32 3.76 -15.01
CA LYS A 374 12.31 3.75 -15.01
C LYS A 374 13.65 4.50 -15.10
N ALA A 375 13.89 5.19 -16.23
CA ALA A 375 15.10 6.00 -16.34
C ALA A 375 15.15 7.12 -15.31
N LEU A 376 14.00 7.76 -15.07
CA LEU A 376 13.91 8.81 -14.03
C LEU A 376 14.20 8.22 -12.63
N TYR A 377 13.65 7.04 -12.34
CA TYR A 377 13.96 6.32 -11.09
C TYR A 377 15.47 6.11 -10.89
N TRP A 378 16.16 5.66 -11.95
CA TRP A 378 17.61 5.43 -11.85
C TRP A 378 18.37 6.76 -11.70
N LYS A 379 17.98 7.80 -12.43
CA LYS A 379 18.65 9.11 -12.32
CA LYS A 379 18.66 9.09 -12.30
C LYS A 379 18.45 9.68 -10.92
N LEU A 380 17.23 9.53 -10.37
CA LEU A 380 16.99 10.02 -9.00
C LEU A 380 17.90 9.29 -8.01
N LEU A 381 18.08 7.98 -8.17
CA LEU A 381 19.06 7.22 -7.34
CA LEU A 381 19.00 7.23 -7.33
C LEU A 381 20.42 7.82 -7.44
N GLU A 382 20.87 8.06 -8.68
CA GLU A 382 22.19 8.67 -8.88
CA GLU A 382 22.20 8.67 -8.89
C GLU A 382 22.31 10.02 -8.19
N ASN A 383 21.19 10.76 -8.15
CA ASN A 383 21.13 12.09 -7.54
C ASN A 383 20.60 12.11 -6.11
N GLY A 384 20.68 10.96 -5.44
CA GLY A 384 20.52 10.92 -3.98
C GLY A 384 19.12 10.72 -3.44
N ILE A 385 18.21 10.14 -4.25
CA ILE A 385 16.80 10.01 -3.87
C ILE A 385 16.25 8.63 -4.26
N HIS A 386 15.53 8.00 -3.32
CA HIS A 386 14.79 6.77 -3.63
C HIS A 386 13.31 7.09 -3.86
N ILE A 387 12.78 6.76 -5.06
CA ILE A 387 11.31 6.69 -5.31
C ILE A 387 11.02 5.32 -5.92
N GLY A 388 9.74 5.07 -6.23
CA GLY A 388 9.39 3.85 -6.91
C GLY A 388 9.68 3.90 -8.40
N ASP A 389 9.85 2.71 -9.00
CA ASP A 389 10.22 2.64 -10.42
C ASP A 389 9.10 2.92 -11.41
N SER A 390 7.90 3.11 -10.87
CA SER A 390 6.77 3.63 -11.66
C SER A 390 6.16 4.88 -11.06
N GLY A 391 6.99 5.62 -10.30
CA GLY A 391 6.66 6.97 -9.86
C GLY A 391 6.04 7.15 -8.49
N LEU A 392 5.82 6.09 -7.73
CA LEU A 392 5.21 6.20 -6.38
C LEU A 392 6.22 6.82 -5.40
N GLY A 393 5.71 7.63 -4.49
CA GLY A 393 6.52 8.12 -3.39
C GLY A 393 5.66 8.56 -2.20
N CYS A 394 6.36 8.94 -1.12
CA CYS A 394 5.65 9.37 0.06
C CYS A 394 6.58 10.12 1.02
N ILE A 395 5.93 10.90 1.90
CA ILE A 395 6.60 11.65 2.93
C ILE A 395 6.63 10.82 4.23
N SER A 396 7.67 11.00 5.01
CA SER A 396 7.77 10.38 6.35
C SER A 396 7.86 11.50 7.41
N THR A 397 7.46 11.18 8.64
CA THR A 397 7.40 12.20 9.68
C THR A 397 8.76 12.81 10.09
N PRO A 398 9.90 12.11 9.89
CA PRO A 398 11.18 12.81 10.16
C PRO A 398 11.56 13.84 9.12
N MET A 399 10.89 13.87 7.97
CA MET A 399 11.19 14.89 6.96
C MET A 399 10.74 16.27 7.40
N GLY A 400 11.45 17.27 6.90
CA GLY A 400 11.03 18.64 6.99
C GLY A 400 11.25 19.34 5.66
N GLU A 401 11.25 20.66 5.71
CA GLU A 401 11.36 21.52 4.52
CA GLU A 401 11.29 21.42 4.46
C GLU A 401 12.63 21.25 3.73
N GLU A 402 13.74 20.94 4.43
CA GLU A 402 14.98 20.76 3.69
CA GLU A 402 15.03 20.70 3.78
C GLU A 402 14.94 19.50 2.83
N GLU A 403 14.35 18.41 3.31
CA GLU A 403 14.28 17.19 2.49
C GLU A 403 13.44 17.42 1.22
N ILE A 404 12.33 18.13 1.36
CA ILE A 404 11.47 18.38 0.21
C ILE A 404 12.18 19.33 -0.78
N ALA A 405 12.96 20.29 -0.26
CA ALA A 405 13.74 21.17 -1.15
C ALA A 405 14.81 20.40 -1.91
N GLU A 406 15.51 19.51 -1.22
CA GLU A 406 16.56 18.71 -1.87
C GLU A 406 15.93 17.81 -2.95
N TYR A 407 14.78 17.24 -2.63
CA TYR A 407 14.04 16.43 -3.59
C TYR A 407 13.71 17.24 -4.85
N ALA A 408 13.24 18.48 -4.66
CA ALA A 408 12.88 19.29 -5.80
C ALA A 408 14.08 19.55 -6.71
N VAL A 409 15.24 19.86 -6.12
CA VAL A 409 16.45 20.08 -6.91
C VAL A 409 16.81 18.80 -7.67
N ALA A 410 16.83 17.66 -6.97
CA ALA A 410 17.19 16.38 -7.58
C ALA A 410 16.20 15.99 -8.69
N PHE A 411 14.92 16.26 -8.46
CA PHE A 411 13.90 15.87 -9.42
C PHE A 411 14.08 16.66 -10.74
N ALA A 412 14.25 17.97 -10.65
CA ALA A 412 14.46 18.80 -11.85
C ALA A 412 15.74 18.38 -12.56
N LYS A 413 16.82 18.16 -11.81
CA LYS A 413 18.08 17.76 -12.42
CA LYS A 413 18.08 17.75 -12.42
C LYS A 413 17.91 16.43 -13.14
N SER A 414 17.31 15.47 -12.46
CA SER A 414 17.14 14.13 -13.01
C SER A 414 16.28 14.10 -14.26
N LEU A 415 15.20 14.87 -14.25
CA LEU A 415 14.36 14.96 -15.42
CA LEU A 415 14.36 15.00 -15.45
C LEU A 415 15.17 15.51 -16.62
N GLY A 416 15.98 16.55 -16.38
CA GLY A 416 16.78 17.11 -17.45
C GLY A 416 17.74 16.08 -18.03
N GLN A 417 18.35 15.28 -17.15
CA GLN A 417 19.28 14.24 -17.59
C GLN A 417 18.60 13.14 -18.39
N VAL A 418 17.43 12.71 -17.94
CA VAL A 418 16.66 11.70 -18.66
C VAL A 418 16.36 12.18 -20.08
N LEU A 419 15.89 13.42 -20.19
CA LEU A 419 15.48 13.93 -21.51
C LEU A 419 16.68 14.13 -22.41
N ALA A 420 17.76 14.66 -21.85
CA ALA A 420 18.96 14.90 -22.66
C ALA A 420 19.56 13.59 -23.16
N GLU A 421 19.63 12.58 -22.29
CA GLU A 421 20.14 11.27 -22.70
C GLU A 421 19.30 10.64 -23.81
N GLY A 422 18.00 10.87 -23.77
CA GLY A 422 17.11 10.36 -24.81
C GLY A 422 17.30 11.03 -26.16
N ARG A 423 17.61 12.33 -26.14
CA ARG A 423 17.84 13.13 -27.37
C ARG A 423 19.26 12.98 -27.95
N ALA A 424 20.14 12.38 -27.14
CA ALA A 424 21.57 12.29 -27.55
C ALA A 424 21.82 11.21 -28.59
#